data_6R2H
#
_entry.id   6R2H
#
_cell.length_a   43.254
_cell.length_b   54.102
_cell.length_c   161.091
_cell.angle_alpha   90.00
_cell.angle_beta   90.00
_cell.angle_gamma   90.00
#
_symmetry.space_group_name_H-M   'P 21 21 21'
#
loop_
_entity.id
_entity.type
_entity.pdbx_description
1 polymer 'HmuY protein'
2 non-polymer GLYCEROL
3 water water
#
_entity_poly.entity_id   1
_entity_poly.type   'polypeptide(L)'
_entity_poly.pdbx_seq_one_letter_code
;MTTQVKHFETLMPGYDSWIYIDLETGKFEQQAELGKREFRKYKSMMDPNYEVVGTEPAKGTDADLPKKWDIAFHITDART
NNGEVLMTGETDLNKINALPAGNYVADAPADIVVDMSRMQSEGVLGMVKTMLNGEMGKWVKSNGMGKPKTVMGNVFAVKF
KNGNAALIKFKDNLDKTGKKKAVSFDYKFIKKAK
;
_entity_poly.pdbx_strand_id   A,B
#
loop_
_chem_comp.id
_chem_comp.type
_chem_comp.name
_chem_comp.formula
GOL non-polymer GLYCEROL 'C3 H8 O3'
#
# COMPACT_ATOMS: atom_id res chain seq x y z
N THR A 2 19.06 38.74 3.44
CA THR A 2 17.88 38.07 2.82
C THR A 2 17.66 38.67 1.43
N THR A 3 17.66 37.80 0.41
CA THR A 3 17.47 38.22 -0.97
C THR A 3 16.04 38.72 -1.14
N GLN A 4 15.73 39.25 -2.33
CA GLN A 4 14.33 39.37 -2.72
C GLN A 4 13.72 37.98 -2.74
N VAL A 5 12.43 37.92 -3.05
CA VAL A 5 11.72 36.66 -3.30
C VAL A 5 12.12 36.17 -4.68
N LYS A 6 12.58 34.91 -4.76
CA LYS A 6 12.91 34.28 -6.02
C LYS A 6 11.86 33.21 -6.32
N HIS A 7 11.85 32.73 -7.57
CA HIS A 7 10.91 31.73 -8.01
C HIS A 7 11.65 30.54 -8.62
N PHE A 8 11.12 29.34 -8.37
CA PHE A 8 11.57 28.11 -8.99
C PHE A 8 10.36 27.33 -9.48
N GLU A 9 10.49 26.78 -10.71
CA GLU A 9 9.45 25.95 -11.28
C GLU A 9 10.02 25.02 -12.34
N THR A 10 9.46 23.81 -12.40
CA THR A 10 9.83 22.81 -13.38
C THR A 10 8.82 21.68 -13.36
N LEU A 11 8.65 21.01 -14.51
CA LEU A 11 7.92 19.77 -14.58
C LEU A 11 8.82 18.66 -14.07
N MET A 12 8.26 17.72 -13.32
CA MET A 12 9.09 16.70 -12.69
C MET A 12 9.39 15.56 -13.67
N PRO A 13 10.58 14.92 -13.55
CA PRO A 13 10.85 13.64 -14.21
C PRO A 13 10.16 12.46 -13.52
N GLY A 14 10.44 11.24 -14.00
CA GLY A 14 9.72 10.05 -13.58
C GLY A 14 10.22 9.53 -12.24
N TYR A 15 9.59 8.43 -11.77
CA TYR A 15 9.87 7.82 -10.48
C TYR A 15 11.34 7.42 -10.28
N ASP A 16 12.12 7.45 -11.36
CA ASP A 16 13.49 6.96 -11.20
C ASP A 16 14.47 8.12 -11.06
N SER A 17 13.95 9.36 -11.00
CA SER A 17 14.83 10.52 -11.09
C SER A 17 14.53 11.55 -10.01
N TRP A 18 15.55 12.40 -9.81
CA TRP A 18 15.58 13.48 -8.85
C TRP A 18 15.84 14.79 -9.59
N ILE A 19 15.40 15.90 -8.99
CA ILE A 19 15.99 17.19 -9.31
C ILE A 19 16.74 17.71 -8.09
N TYR A 20 17.87 18.37 -8.33
CA TYR A 20 18.73 18.92 -7.29
C TYR A 20 18.81 20.43 -7.48
N ILE A 21 18.37 21.19 -6.47
CA ILE A 21 18.26 22.64 -6.62
C ILE A 21 19.31 23.36 -5.78
N ASP A 22 20.09 24.21 -6.44
CA ASP A 22 20.96 25.16 -5.78
C ASP A 22 20.15 26.42 -5.50
N LEU A 23 19.84 26.67 -4.23
CA LEU A 23 18.89 27.74 -3.92
C LEU A 23 19.54 29.10 -4.18
N GLU A 24 20.87 29.16 -4.05
CA GLU A 24 21.63 30.39 -4.19
C GLU A 24 21.55 30.90 -5.63
N THR A 25 21.65 30.00 -6.61
CA THR A 25 21.76 30.35 -8.01
C THR A 25 20.43 30.15 -8.74
N GLY A 26 19.54 29.35 -8.14
CA GLY A 26 18.24 29.07 -8.74
C GLY A 26 18.32 28.01 -9.82
N LYS A 27 19.52 27.45 -10.01
CA LYS A 27 19.79 26.44 -11.03
C LYS A 27 19.44 25.06 -10.47
N PHE A 28 19.15 24.11 -11.36
CA PHE A 28 18.96 22.73 -10.93
C PHE A 28 19.55 21.74 -11.94
N GLU A 29 19.77 20.52 -11.46
CA GLU A 29 20.26 19.43 -12.29
C GLU A 29 19.34 18.23 -12.06
N GLN A 30 19.11 17.44 -13.12
CA GLN A 30 18.36 16.21 -13.01
C GLN A 30 19.33 15.05 -12.91
N GLN A 31 18.98 14.02 -12.12
CA GLN A 31 19.80 12.83 -12.03
C GLN A 31 18.98 11.64 -11.54
N ALA A 32 19.28 10.43 -12.03
CA ALA A 32 18.57 9.22 -11.61
C ALA A 32 18.92 8.90 -10.16
N GLU A 33 17.98 8.27 -9.44
CA GLU A 33 18.31 7.57 -8.21
C GLU A 33 19.41 6.56 -8.50
N LEU A 34 20.47 6.59 -7.68
CA LEU A 34 21.67 5.82 -8.00
C LEU A 34 21.75 4.58 -7.14
N GLY A 35 20.96 4.55 -6.07
CA GLY A 35 21.01 3.51 -5.05
C GLY A 35 20.55 2.16 -5.58
N LYS A 36 20.99 1.10 -4.86
CA LYS A 36 20.61 -0.25 -5.20
C LYS A 36 19.08 -0.38 -5.06
N ARG A 37 18.49 -1.19 -5.94
CA ARG A 37 17.04 -1.37 -5.93
C ARG A 37 16.68 -2.79 -5.49
N GLU A 38 15.55 -2.87 -4.78
CA GLU A 38 14.93 -4.12 -4.37
C GLU A 38 13.56 -4.17 -5.02
N PHE A 39 13.29 -5.24 -5.80
CA PHE A 39 11.94 -5.44 -6.29
C PHE A 39 11.17 -6.25 -5.26
N ARG A 40 10.04 -5.68 -4.83
CA ARG A 40 9.29 -6.23 -3.72
C ARG A 40 7.89 -6.61 -4.21
N LYS A 41 7.49 -7.86 -3.94
CA LYS A 41 6.14 -8.31 -4.22
C LYS A 41 5.34 -8.29 -2.92
N TYR A 42 4.19 -7.60 -2.95
CA TYR A 42 3.40 -7.36 -1.75
C TYR A 42 2.18 -8.28 -1.71
N LYS A 43 1.98 -8.93 -0.55
CA LYS A 43 0.95 -9.96 -0.38
C LYS A 43 -0.42 -9.27 -0.26
N MET A 45 -1.48 -6.23 -0.73
CA MET A 45 -2.74 -5.65 -0.19
C MET A 45 -2.40 -4.55 0.83
N MET A 46 -1.62 -3.56 0.40
CA MET A 46 -1.15 -2.41 1.17
C MET A 46 -0.62 -2.84 2.55
N ASP A 47 -0.29 -4.12 2.71
CA ASP A 47 0.43 -4.58 3.88
C ASP A 47 1.93 -4.34 3.70
N PRO A 48 2.69 -4.16 4.81
CA PRO A 48 4.15 -4.02 4.71
C PRO A 48 4.87 -5.36 4.65
N ASN A 49 4.10 -6.44 4.43
CA ASN A 49 4.65 -7.78 4.27
C ASN A 49 4.88 -8.08 2.79
N TYR A 50 6.10 -8.51 2.45
CA TYR A 50 6.53 -8.63 1.07
C TYR A 50 7.66 -9.65 0.94
N GLU A 51 7.77 -10.27 -0.25
CA GLU A 51 8.90 -11.08 -0.62
C GLU A 51 9.75 -10.35 -1.67
N VAL A 52 11.07 -10.49 -1.53
CA VAL A 52 12.03 -9.92 -2.47
C VAL A 52 12.12 -10.80 -3.72
N VAL A 53 11.84 -10.21 -4.89
CA VAL A 53 11.77 -10.99 -6.11
C VAL A 53 12.87 -10.58 -7.09
N GLY A 54 13.66 -9.55 -6.75
CA GLY A 54 14.71 -9.09 -7.65
C GLY A 54 15.58 -8.01 -7.01
N THR A 55 16.79 -7.82 -7.57
CA THR A 55 17.59 -6.67 -7.22
C THR A 55 18.40 -6.18 -8.40
N GLU A 56 18.63 -4.88 -8.45
CA GLU A 56 19.59 -4.29 -9.35
C GLU A 56 20.63 -3.55 -8.51
N PRO A 57 21.93 -3.68 -8.83
CA PRO A 57 22.97 -3.01 -8.05
C PRO A 57 22.87 -1.50 -8.26
N ALA A 58 23.47 -0.75 -7.34
CA ALA A 58 23.56 0.69 -7.41
C ALA A 58 24.33 1.09 -8.67
N LYS A 59 23.94 2.22 -9.26
CA LYS A 59 24.52 2.70 -10.50
C LYS A 59 25.51 3.83 -10.21
N GLY A 60 25.72 4.10 -8.92
CA GLY A 60 26.61 5.17 -8.46
C GLY A 60 26.60 5.30 -6.94
N THR A 61 27.23 6.38 -6.45
CA THR A 61 27.30 6.67 -5.02
C THR A 61 27.05 8.17 -4.82
N ASP A 62 27.05 8.59 -3.55
CA ASP A 62 26.83 9.99 -3.21
C ASP A 62 27.91 10.88 -3.85
N ALA A 63 29.08 10.30 -4.15
CA ALA A 63 30.14 11.04 -4.81
C ALA A 63 29.70 11.48 -6.22
N ASP A 64 28.69 10.83 -6.78
CA ASP A 64 28.25 11.17 -8.13
C ASP A 64 27.17 12.26 -8.14
N LEU A 65 26.70 12.66 -6.95
CA LEU A 65 25.63 13.64 -6.83
C LEU A 65 26.09 14.98 -7.38
N PRO A 66 25.17 15.80 -7.96
CA PRO A 66 25.51 17.16 -8.39
C PRO A 66 26.27 17.92 -7.31
N LYS A 67 27.09 18.88 -7.77
CA LYS A 67 28.16 19.44 -6.98
C LYS A 67 27.59 20.42 -5.96
N LYS A 68 26.63 21.23 -6.44
CA LYS A 68 26.05 22.30 -5.66
C LYS A 68 24.53 22.14 -5.64
N TRP A 69 23.99 21.78 -4.47
CA TRP A 69 22.56 21.70 -4.27
C TRP A 69 22.24 21.88 -2.80
N ASP A 70 21.01 22.29 -2.51
CA ASP A 70 20.54 22.53 -1.14
C ASP A 70 19.39 21.58 -0.82
N ILE A 71 18.41 21.50 -1.75
CA ILE A 71 17.26 20.64 -1.61
C ILE A 71 17.03 19.87 -2.91
N ALA A 72 16.30 18.76 -2.79
CA ALA A 72 16.09 17.85 -3.91
C ALA A 72 14.69 17.23 -3.82
N PHE A 73 14.13 16.93 -4.99
CA PHE A 73 12.78 16.39 -5.11
C PHE A 73 12.77 15.15 -6.00
N HIS A 74 12.04 14.15 -5.53
CA HIS A 74 11.69 12.95 -6.27
C HIS A 74 10.17 12.77 -6.21
N ILE A 75 9.50 13.07 -7.33
CA ILE A 75 8.04 13.15 -7.35
C ILE A 75 7.63 14.19 -6.29
N THR A 76 7.20 13.75 -5.11
CA THR A 76 6.83 14.70 -4.05
C THR A 76 7.72 14.51 -2.82
N ASP A 77 8.58 13.49 -2.84
CA ASP A 77 9.55 13.30 -1.77
C ASP A 77 10.60 14.40 -1.79
N ALA A 78 11.08 14.77 -0.60
CA ALA A 78 12.03 15.87 -0.43
C ALA A 78 13.24 15.42 0.40
N ARG A 79 14.41 15.90 -0.01
CA ARG A 79 15.66 15.66 0.68
C ARG A 79 16.44 16.96 0.74
N THR A 80 17.25 17.13 1.78
CA THR A 80 18.08 18.31 1.92
C THR A 80 19.55 17.88 1.95
N ASN A 81 20.42 18.81 1.53
CA ASN A 81 21.85 18.65 1.63
C ASN A 81 22.31 19.16 3.00
N ASN A 82 22.21 18.28 4.00
CA ASN A 82 22.65 18.56 5.36
C ASN A 82 21.84 19.74 5.94
N GLY A 83 20.51 19.66 5.84
CA GLY A 83 19.62 20.71 6.30
C GLY A 83 18.62 20.23 7.35
N GLU A 84 18.04 21.20 8.08
CA GLU A 84 16.99 20.96 9.04
C GLU A 84 15.81 21.85 8.68
N VAL A 85 14.59 21.30 8.81
CA VAL A 85 13.40 21.94 8.28
C VAL A 85 12.37 22.13 9.40
N LEU A 86 11.68 23.27 9.36
CA LEU A 86 10.54 23.54 10.22
C LEU A 86 9.44 24.13 9.35
N MET A 87 8.27 23.49 9.34
CA MET A 87 7.08 24.05 8.72
C MET A 87 6.51 25.09 9.68
N THR A 88 6.66 26.39 9.35
CA THR A 88 6.22 27.44 10.25
C THR A 88 4.71 27.60 10.13
N GLY A 89 4.15 28.53 10.93
CA GLY A 89 2.75 28.88 10.87
C GLY A 89 2.47 30.07 9.93
N GLU A 90 3.55 30.71 9.43
CA GLU A 90 3.42 31.83 8.51
C GLU A 90 3.01 31.32 7.13
N THR A 91 2.15 32.09 6.45
CA THR A 91 1.72 31.72 5.11
C THR A 91 2.05 32.83 4.11
N ASP A 92 2.53 33.97 4.62
CA ASP A 92 2.89 35.09 3.76
C ASP A 92 4.41 35.22 3.75
N LEU A 93 5.03 34.97 2.60
CA LEU A 93 6.48 35.00 2.51
C LEU A 93 7.00 36.42 2.65
N ASN A 94 6.13 37.42 2.45
CA ASN A 94 6.56 38.80 2.56
C ASN A 94 6.57 39.24 4.01
N LYS A 95 5.97 38.45 4.89
CA LYS A 95 5.85 38.84 6.28
C LYS A 95 6.93 38.15 7.12
N ILE A 96 7.99 37.62 6.47
CA ILE A 96 9.04 36.94 7.21
C ILE A 96 10.37 37.02 6.47
N ASN A 97 11.45 37.30 7.23
CA ASN A 97 12.75 37.56 6.64
C ASN A 97 13.89 36.94 7.43
N ALA A 98 13.55 36.22 8.51
CA ALA A 98 14.52 35.44 9.24
C ALA A 98 13.84 34.16 9.72
N LEU A 99 14.65 33.14 10.03
CA LEU A 99 14.18 31.87 10.55
C LEU A 99 13.75 32.05 12.00
N PRO A 100 12.54 31.58 12.38
CA PRO A 100 12.12 31.58 13.79
C PRO A 100 12.70 30.39 14.55
N ALA A 101 12.62 30.46 15.89
CA ALA A 101 13.00 29.33 16.73
C ALA A 101 11.89 28.27 16.65
N GLY A 102 12.27 27.02 16.91
CA GLY A 102 11.33 25.91 16.87
C GLY A 102 12.03 24.56 16.69
N ASN A 103 11.25 23.53 16.36
CA ASN A 103 11.79 22.18 16.27
C ASN A 103 12.10 21.85 14.81
N TYR A 104 13.37 21.98 14.45
CA TYR A 104 13.83 21.75 13.10
C TYR A 104 14.08 20.24 12.91
N VAL A 105 13.70 19.71 11.74
CA VAL A 105 13.76 18.26 11.51
C VAL A 105 14.85 17.93 10.50
N ALA A 106 15.75 17.01 10.87
CA ALA A 106 16.82 16.53 9.99
C ALA A 106 16.28 15.42 9.06
N ASP A 107 17.03 15.13 7.98
CA ASP A 107 16.71 14.03 7.10
C ASP A 107 16.90 12.71 7.83
N ALA A 108 16.07 11.72 7.51
CA ALA A 108 16.11 10.41 8.14
C ALA A 108 15.97 9.31 7.08
N PRO A 109 16.45 8.07 7.34
CA PRO A 109 16.33 6.98 6.37
C PRO A 109 14.89 6.74 5.96
N ALA A 110 14.68 6.52 4.66
CA ALA A 110 13.37 6.30 4.07
C ALA A 110 13.54 5.57 2.75
N ASP A 111 12.51 4.79 2.38
CA ASP A 111 12.47 4.13 1.08
C ASP A 111 11.64 4.99 0.14
N ILE A 112 12.08 5.08 -1.12
CA ILE A 112 11.31 5.74 -2.17
C ILE A 112 10.94 4.70 -3.23
N VAL A 113 9.93 5.05 -4.03
CA VAL A 113 9.52 4.23 -5.15
C VAL A 113 10.25 4.71 -6.40
N VAL A 114 11.08 3.82 -7.00
CA VAL A 114 11.83 4.15 -8.21
C VAL A 114 11.19 3.54 -9.46
N ASP A 115 10.38 2.48 -9.31
CA ASP A 115 9.83 1.78 -10.47
C ASP A 115 8.45 1.24 -10.12
N MET A 116 7.41 1.76 -10.78
CA MET A 116 6.07 1.35 -10.42
C MET A 116 5.39 0.60 -11.57
N SER A 117 6.18 0.26 -12.59
CA SER A 117 5.65 -0.29 -13.83
C SER A 117 5.01 -1.68 -13.63
N ARG A 118 5.41 -2.40 -12.58
CA ARG A 118 4.93 -3.76 -12.40
C ARG A 118 3.99 -3.84 -11.19
N MET A 119 3.42 -2.70 -10.80
CA MET A 119 2.55 -2.67 -9.64
C MET A 119 1.17 -3.22 -10.01
N GLN A 120 0.66 -2.80 -11.18
CA GLN A 120 -0.65 -3.23 -11.67
C GLN A 120 -0.60 -4.70 -12.05
N SER A 121 0.45 -5.09 -12.78
CA SER A 121 0.53 -6.41 -13.38
C SER A 121 0.91 -7.48 -12.36
N GLU A 122 1.58 -7.11 -11.26
CA GLU A 122 2.19 -8.13 -10.41
C GLU A 122 2.16 -7.77 -8.94
N GLY A 123 1.81 -6.52 -8.62
CA GLY A 123 1.89 -6.02 -7.26
C GLY A 123 3.35 -5.94 -6.77
N VAL A 124 4.24 -5.56 -7.69
CA VAL A 124 5.67 -5.45 -7.42
C VAL A 124 6.08 -3.98 -7.55
N LEU A 125 6.96 -3.54 -6.64
CA LEU A 125 7.54 -2.21 -6.69
C LEU A 125 9.06 -2.31 -6.53
N GLY A 126 9.77 -1.51 -7.35
CA GLY A 126 11.16 -1.20 -7.14
C GLY A 126 11.31 -0.07 -6.11
N MET A 127 12.00 -0.39 -5.02
CA MET A 127 12.19 0.50 -3.88
C MET A 127 13.68 0.76 -3.70
N VAL A 128 14.06 1.97 -3.25
CA VAL A 128 15.44 2.25 -2.90
C VAL A 128 15.48 2.90 -1.53
N LYS A 129 16.39 2.40 -0.68
CA LYS A 129 16.60 2.97 0.64
C LYS A 129 17.50 4.21 0.51
N THR A 130 16.95 5.37 0.88
CA THR A 130 17.66 6.64 0.78
C THR A 130 17.44 7.47 2.04
N MET A 131 17.54 8.80 1.91
CA MET A 131 17.29 9.74 3.00
C MET A 131 16.23 10.74 2.53
N LEU A 132 15.20 10.97 3.37
CA LEU A 132 14.22 12.00 3.06
C LEU A 132 14.06 12.90 4.27
N ASN A 133 13.56 14.12 4.02
CA ASN A 133 13.21 15.03 5.10
C ASN A 133 11.69 15.02 5.28
N GLY A 134 11.26 14.52 6.44
CA GLY A 134 9.85 14.28 6.72
C GLY A 134 9.03 15.57 6.76
N GLU A 135 9.64 16.63 7.34
CA GLU A 135 8.97 17.92 7.50
C GLU A 135 8.73 18.54 6.13
N MET A 136 9.80 18.68 5.32
CA MET A 136 9.63 19.31 4.04
C MET A 136 8.62 18.53 3.20
N GLY A 137 8.57 17.21 3.42
CA GLY A 137 7.66 16.31 2.76
C GLY A 137 6.21 16.74 2.91
N LYS A 138 5.93 17.59 3.91
CA LYS A 138 4.57 18.04 4.18
C LYS A 138 4.12 19.13 3.21
N TRP A 139 4.95 19.50 2.25
CA TRP A 139 4.60 20.59 1.34
C TRP A 139 3.33 20.26 0.53
N VAL A 140 3.04 18.96 0.40
CA VAL A 140 1.78 18.49 -0.13
C VAL A 140 1.14 17.62 0.94
N LYS A 141 -0.17 17.77 1.11
CA LYS A 141 -0.93 16.99 2.07
C LYS A 141 -1.84 16.07 1.28
N SER A 142 -1.80 14.78 1.63
CA SER A 142 -2.70 13.83 0.98
C SER A 142 -4.12 14.16 1.39
N ASN A 143 -5.03 14.12 0.41
CA ASN A 143 -6.46 14.18 0.65
C ASN A 143 -7.00 12.76 0.85
N GLY A 144 -6.13 11.75 1.00
CA GLY A 144 -6.50 10.34 0.86
C GLY A 144 -6.09 9.77 -0.50
N MET A 145 -5.80 8.46 -0.53
CA MET A 145 -5.30 7.80 -1.74
C MET A 145 -6.35 7.85 -2.85
N GLY A 146 -5.84 7.91 -4.08
CA GLY A 146 -6.67 7.97 -5.27
C GLY A 146 -7.23 9.37 -5.50
N LYS A 147 -6.62 10.36 -4.84
CA LYS A 147 -7.12 11.72 -4.93
C LYS A 147 -5.94 12.66 -5.12
N PRO A 148 -6.08 13.75 -5.92
CA PRO A 148 -5.04 14.77 -6.02
C PRO A 148 -4.65 15.25 -4.62
N LYS A 149 -3.36 15.47 -4.40
CA LYS A 149 -2.89 16.04 -3.15
C LYS A 149 -3.11 17.54 -3.21
N THR A 150 -2.96 18.23 -2.05
CA THR A 150 -3.03 19.68 -2.00
C THR A 150 -1.70 20.26 -1.51
N VAL A 151 -1.28 21.34 -2.18
CA VAL A 151 -0.08 22.06 -1.79
C VAL A 151 -0.45 22.86 -0.54
N MET A 152 0.40 22.76 0.49
CA MET A 152 0.23 23.53 1.71
C MET A 152 0.78 24.94 1.49
N GLY A 153 0.22 25.90 2.23
CA GLY A 153 0.58 27.29 2.02
C GLY A 153 1.69 27.77 2.95
N ASN A 154 2.11 26.92 3.89
CA ASN A 154 2.98 27.34 4.97
C ASN A 154 4.38 27.62 4.45
N VAL A 155 5.01 28.65 5.02
CA VAL A 155 6.42 28.89 4.73
C VAL A 155 7.24 27.85 5.49
N PHE A 156 8.14 27.18 4.79
CA PHE A 156 9.08 26.25 5.40
C PHE A 156 10.39 26.98 5.65
N ALA A 157 10.94 26.83 6.86
CA ALA A 157 12.25 27.35 7.22
C ALA A 157 13.28 26.24 7.14
N VAL A 158 14.44 26.53 6.52
CA VAL A 158 15.52 25.56 6.32
C VAL A 158 16.86 26.17 6.75
N LYS A 159 17.53 25.50 7.71
CA LYS A 159 18.87 25.82 8.20
C LYS A 159 19.84 24.79 7.62
N PHE A 160 20.96 25.26 7.04
CA PHE A 160 21.97 24.35 6.52
C PHE A 160 23.23 24.41 7.39
N LYS A 161 23.90 23.27 7.50
CA LYS A 161 25.14 23.08 8.25
C LYS A 161 26.19 24.12 7.85
N ASN A 162 26.12 24.58 6.60
CA ASN A 162 27.09 25.51 6.06
C ASN A 162 26.75 26.94 6.48
N GLY A 163 25.59 27.13 7.10
CA GLY A 163 25.26 28.44 7.66
C GLY A 163 24.33 29.26 6.75
N ASN A 164 24.03 28.74 5.56
CA ASN A 164 23.00 29.39 4.75
C ASN A 164 21.63 28.94 5.25
N ALA A 165 20.59 29.64 4.79
CA ALA A 165 19.25 29.36 5.24
C ALA A 165 18.28 29.75 4.13
N ALA A 166 17.03 29.26 4.22
CA ALA A 166 16.02 29.66 3.25
C ALA A 166 14.61 29.63 3.84
N LEU A 167 13.74 30.43 3.24
CA LEU A 167 12.32 30.45 3.57
C LEU A 167 11.55 30.19 2.28
N ILE A 168 10.77 29.11 2.26
CA ILE A 168 10.21 28.56 1.03
C ILE A 168 8.69 28.47 1.18
N LYS A 169 7.96 28.95 0.16
CA LYS A 169 6.52 28.73 0.10
C LYS A 169 6.19 28.05 -1.22
N PHE A 170 5.57 26.86 -1.15
CA PHE A 170 5.25 26.06 -2.32
C PHE A 170 4.02 26.61 -3.03
N LYS A 171 4.05 26.56 -4.37
CA LYS A 171 2.96 27.03 -5.21
C LYS A 171 2.18 25.87 -5.83
N ASP A 172 2.82 24.97 -6.58
CA ASP A 172 2.10 23.99 -7.39
C ASP A 172 2.80 22.63 -7.36
N ASN A 173 2.02 21.54 -7.47
CA ASN A 173 2.57 20.19 -7.59
C ASN A 173 2.15 19.55 -8.91
N LEU A 174 1.42 20.32 -9.74
CA LEU A 174 0.94 19.87 -11.03
C LEU A 174 1.14 20.99 -12.04
N ASP A 175 1.10 20.62 -13.33
CA ASP A 175 1.16 21.52 -14.46
C ASP A 175 -0.21 22.16 -14.65
N LYS A 176 -0.37 22.94 -15.72
CA LYS A 176 -1.64 23.60 -15.99
C LYS A 176 -2.77 22.61 -16.27
N THR A 177 -2.47 21.48 -16.93
CA THR A 177 -3.48 20.50 -17.30
C THR A 177 -3.97 19.74 -16.07
N GLY A 178 -3.12 19.70 -15.04
CA GLY A 178 -3.39 18.94 -13.83
C GLY A 178 -3.10 17.46 -14.01
N LYS A 179 -2.34 17.10 -15.06
CA LYS A 179 -2.10 15.71 -15.40
C LYS A 179 -0.64 15.35 -15.13
N LYS A 180 0.27 16.33 -15.19
CA LYS A 180 1.70 16.09 -15.07
C LYS A 180 2.23 16.67 -13.76
N LYS A 181 3.08 15.90 -13.06
CA LYS A 181 3.70 16.33 -11.82
C LYS A 181 4.66 17.51 -12.04
N ALA A 182 4.84 18.33 -11.00
CA ALA A 182 5.67 19.51 -11.03
C ALA A 182 6.04 19.93 -9.61
N VAL A 183 7.11 20.74 -9.50
CA VAL A 183 7.49 21.38 -8.25
C VAL A 183 7.66 22.86 -8.57
N SER A 184 6.93 23.71 -7.85
CA SER A 184 6.97 25.15 -8.01
C SER A 184 6.93 25.82 -6.64
N PHE A 185 7.80 26.81 -6.38
CA PHE A 185 7.77 27.54 -5.12
C PHE A 185 8.43 28.91 -5.26
N ASP A 186 8.13 29.79 -4.30
CA ASP A 186 8.85 31.04 -4.11
C ASP A 186 9.68 30.91 -2.86
N TYR A 187 10.77 31.69 -2.79
CA TYR A 187 11.70 31.53 -1.69
C TYR A 187 12.59 32.76 -1.49
N LYS A 188 13.12 32.88 -0.27
CA LYS A 188 14.13 33.86 0.02
C LYS A 188 15.35 33.08 0.48
N PHE A 189 16.51 33.46 -0.06
CA PHE A 189 17.77 32.85 0.32
C PHE A 189 18.52 33.75 1.29
N ILE A 190 19.06 33.16 2.36
CA ILE A 190 19.74 33.90 3.42
C ILE A 190 21.17 33.39 3.51
N LYS A 191 22.09 34.13 2.87
CA LYS A 191 23.48 33.71 2.78
C LYS A 191 24.18 33.96 4.11
N LYS A 192 24.94 32.96 4.57
CA LYS A 192 25.71 33.06 5.80
C LYS A 192 26.53 34.35 5.76
N ALA A 193 26.39 35.20 6.79
CA ALA A 193 27.01 36.52 6.73
C ALA A 193 28.46 36.47 7.19
N THR B 3 -14.90 -40.18 -5.23
CA THR B 3 -15.61 -39.92 -3.92
C THR B 3 -16.80 -38.97 -4.10
N GLN B 4 -17.15 -38.67 -5.36
CA GLN B 4 -18.39 -37.95 -5.64
C GLN B 4 -18.20 -36.43 -5.50
N VAL B 5 -18.39 -35.73 -6.63
CA VAL B 5 -18.29 -34.28 -6.69
C VAL B 5 -19.57 -33.67 -6.11
N LYS B 6 -19.41 -32.75 -5.15
CA LYS B 6 -20.52 -31.94 -4.64
C LYS B 6 -20.42 -30.51 -5.17
N HIS B 7 -21.51 -29.74 -4.95
CA HIS B 7 -21.60 -28.37 -5.43
C HIS B 7 -21.99 -27.45 -4.27
N PHE B 8 -21.40 -26.25 -4.25
CA PHE B 8 -21.78 -25.21 -3.31
C PHE B 8 -21.87 -23.89 -4.07
N GLU B 9 -22.93 -23.13 -3.76
CA GLU B 9 -23.12 -21.81 -4.34
C GLU B 9 -23.94 -20.95 -3.38
N THR B 10 -23.56 -19.68 -3.26
CA THR B 10 -24.34 -18.69 -2.54
C THR B 10 -23.87 -17.29 -2.94
N LEU B 11 -24.78 -16.31 -2.84
CA LEU B 11 -24.40 -14.91 -2.97
C LEU B 11 -23.73 -14.48 -1.68
N MET B 12 -22.68 -13.68 -1.80
CA MET B 12 -21.94 -13.23 -0.64
C MET B 12 -22.66 -12.06 0.02
N PRO B 13 -22.59 -11.94 1.37
CA PRO B 13 -23.01 -10.72 2.06
C PRO B 13 -21.96 -9.61 1.91
N GLY B 14 -22.19 -8.50 2.61
CA GLY B 14 -21.36 -7.31 2.47
C GLY B 14 -20.01 -7.47 3.16
N TYR B 15 -19.16 -6.45 3.00
CA TYR B 15 -17.82 -6.40 3.57
C TYR B 15 -17.78 -6.66 5.09
N ASP B 16 -18.95 -6.65 5.75
CA ASP B 16 -18.92 -6.76 7.19
C ASP B 16 -19.18 -8.20 7.64
N SER B 17 -19.38 -9.13 6.69
CA SER B 17 -19.84 -10.46 7.05
C SER B 17 -19.07 -11.59 6.38
N TRP B 18 -19.21 -12.78 6.95
CA TRP B 18 -18.55 -14.01 6.53
C TRP B 18 -19.60 -15.07 6.23
N ILE B 19 -19.27 -16.03 5.37
CA ILE B 19 -20.00 -17.29 5.41
C ILE B 19 -19.06 -18.40 5.87
N TYR B 20 -19.61 -19.35 6.65
CA TYR B 20 -18.87 -20.49 7.21
C TYR B 20 -19.47 -21.77 6.64
N ILE B 21 -18.66 -22.56 5.92
CA ILE B 21 -19.21 -23.70 5.19
C ILE B 21 -18.77 -25.01 5.83
N ASP B 22 -19.76 -25.85 6.16
CA ASP B 22 -19.54 -27.24 6.51
C ASP B 22 -19.52 -28.05 5.21
N LEU B 23 -18.32 -28.53 4.82
CA LEU B 23 -18.18 -29.11 3.49
C LEU B 23 -18.93 -30.44 3.43
N GLU B 24 -19.05 -31.11 4.59
CA GLU B 24 -19.68 -32.43 4.67
C GLU B 24 -21.15 -32.36 4.26
N THR B 25 -21.88 -31.32 4.69
CA THR B 25 -23.31 -31.22 4.43
C THR B 25 -23.61 -30.21 3.32
N GLY B 26 -22.67 -29.31 3.05
CA GLY B 26 -22.87 -28.24 2.08
C GLY B 26 -23.68 -27.08 2.65
N LYS B 27 -23.94 -27.11 3.97
CA LYS B 27 -24.68 -26.06 4.66
C LYS B 27 -23.70 -24.97 5.09
N PHE B 28 -24.24 -23.76 5.29
CA PHE B 28 -23.41 -22.66 5.75
C PHE B 28 -24.16 -21.76 6.74
N GLU B 29 -23.39 -20.97 7.48
CA GLU B 29 -23.92 -20.04 8.46
C GLU B 29 -23.26 -18.68 8.21
N GLN B 30 -24.05 -17.62 8.30
CA GLN B 30 -23.55 -16.28 8.04
C GLN B 30 -23.34 -15.60 9.39
N GLN B 31 -22.25 -14.84 9.52
CA GLN B 31 -21.98 -14.12 10.74
C GLN B 31 -21.07 -12.94 10.39
N ALA B 32 -21.28 -11.82 11.10
CA ALA B 32 -20.49 -10.62 10.94
C ALA B 32 -19.06 -10.89 11.40
N GLU B 33 -18.11 -10.16 10.80
CA GLU B 33 -16.79 -10.06 11.40
C GLU B 33 -16.96 -9.51 12.81
N LEU B 34 -16.31 -10.15 13.79
CA LEU B 34 -16.59 -9.83 15.18
C LEU B 34 -15.46 -8.98 15.79
N GLY B 35 -14.33 -8.90 15.09
CA GLY B 35 -13.14 -8.24 15.62
C GLY B 35 -13.29 -6.73 15.76
N LYS B 36 -12.42 -6.13 16.57
CA LYS B 36 -12.32 -4.69 16.71
C LYS B 36 -12.01 -4.10 15.34
N ARG B 37 -12.59 -2.94 15.03
CA ARG B 37 -12.31 -2.28 13.75
C ARG B 37 -11.50 -1.01 13.98
N GLU B 38 -10.63 -0.74 13.01
CA GLU B 38 -9.81 0.44 12.96
C GLU B 38 -10.09 1.08 11.60
N PHE B 39 -10.51 2.35 11.59
CA PHE B 39 -10.66 3.05 10.33
C PHE B 39 -9.31 3.69 10.01
N ARG B 40 -8.76 3.36 8.85
CA ARG B 40 -7.39 3.71 8.50
C ARG B 40 -7.41 4.58 7.24
N LYS B 41 -6.71 5.73 7.33
CA LYS B 41 -6.52 6.62 6.19
C LYS B 41 -5.13 6.36 5.62
N TYR B 42 -5.09 6.07 4.31
CA TYR B 42 -3.86 5.73 3.61
C TYR B 42 -3.47 6.87 2.68
N LYS B 43 -2.16 7.17 2.63
CA LYS B 43 -1.59 8.23 1.81
C LYS B 43 -1.63 7.85 0.33
N SER B 44 -1.11 6.68 0.00
CA SER B 44 -1.23 6.12 -1.34
C SER B 44 -1.32 4.60 -1.27
N MET B 45 -1.58 3.97 -2.42
CA MET B 45 -1.66 2.51 -2.53
C MET B 45 -0.27 1.90 -2.44
N MET B 46 0.76 2.72 -2.73
CA MET B 46 2.16 2.31 -2.72
C MET B 46 2.76 2.48 -1.33
N ASP B 47 2.22 3.42 -0.54
CA ASP B 47 2.72 3.66 0.80
C ASP B 47 1.94 2.76 1.77
N PRO B 48 2.62 1.96 2.62
CA PRO B 48 1.95 1.19 3.65
C PRO B 48 1.67 1.99 4.92
N ASN B 49 1.87 3.32 4.83
CA ASN B 49 1.74 4.20 5.99
C ASN B 49 0.32 4.77 6.07
N TYR B 50 -0.23 4.72 7.29
CA TYR B 50 -1.61 5.10 7.52
C TYR B 50 -1.77 5.78 8.88
N GLU B 51 -2.79 6.66 8.96
CA GLU B 51 -3.28 7.30 10.16
C GLU B 51 -4.55 6.60 10.61
N VAL B 52 -4.66 6.27 11.91
CA VAL B 52 -5.89 5.76 12.50
C VAL B 52 -6.84 6.94 12.75
N VAL B 53 -8.04 6.87 12.16
CA VAL B 53 -8.97 7.99 12.25
C VAL B 53 -10.22 7.59 13.03
N GLY B 54 -10.36 6.31 13.39
CA GLY B 54 -11.56 5.84 14.07
C GLY B 54 -11.45 4.41 14.57
N THR B 55 -12.39 4.00 15.42
CA THR B 55 -12.42 2.66 16.00
C THR B 55 -13.84 2.30 16.41
N GLU B 56 -14.20 1.02 16.22
CA GLU B 56 -15.37 0.43 16.85
C GLU B 56 -14.92 -0.82 17.61
N PRO B 57 -15.42 -1.06 18.84
CA PRO B 57 -14.93 -2.16 19.65
C PRO B 57 -15.39 -3.50 19.06
N ALA B 58 -14.71 -4.58 19.44
CA ALA B 58 -15.04 -5.94 19.03
C ALA B 58 -16.44 -6.30 19.50
N LYS B 59 -17.13 -7.10 18.69
CA LYS B 59 -18.47 -7.58 19.02
C LYS B 59 -18.42 -9.00 19.55
N GLY B 60 -17.22 -9.59 19.56
CA GLY B 60 -17.03 -11.00 19.91
C GLY B 60 -15.58 -11.45 19.77
N THR B 61 -15.38 -12.76 19.86
CA THR B 61 -14.09 -13.42 19.67
C THR B 61 -14.32 -14.71 18.91
N ASP B 62 -13.23 -15.44 18.62
CA ASP B 62 -13.28 -16.72 17.94
C ASP B 62 -14.20 -17.72 18.65
N ALA B 63 -14.37 -17.55 19.97
CA ALA B 63 -15.25 -18.42 20.73
C ALA B 63 -16.69 -18.33 20.21
N ASP B 64 -17.03 -17.20 19.56
CA ASP B 64 -18.39 -16.94 19.14
C ASP B 64 -18.67 -17.45 17.73
N LEU B 65 -17.63 -17.94 17.04
CA LEU B 65 -17.72 -18.39 15.65
C LEU B 65 -18.68 -19.58 15.56
N PRO B 66 -19.38 -19.80 14.41
CA PRO B 66 -20.17 -21.01 14.23
C PRO B 66 -19.38 -22.27 14.58
N LYS B 67 -20.08 -23.33 14.98
CA LYS B 67 -19.38 -24.43 15.62
C LYS B 67 -18.83 -25.42 14.60
N LYS B 68 -19.57 -25.65 13.50
CA LYS B 68 -19.19 -26.71 12.55
C LYS B 68 -18.97 -26.14 11.14
N TRP B 69 -17.70 -25.98 10.76
CA TRP B 69 -17.33 -25.40 9.47
C TRP B 69 -15.92 -25.83 9.11
N ASP B 70 -15.58 -25.78 7.81
CA ASP B 70 -14.29 -26.23 7.32
C ASP B 70 -13.55 -25.06 6.67
N ILE B 71 -14.26 -24.33 5.81
CA ILE B 71 -13.74 -23.16 5.12
C ILE B 71 -14.75 -22.01 5.23
N ALA B 72 -14.26 -20.78 5.03
CA ALA B 72 -15.04 -19.57 5.23
C ALA B 72 -14.58 -18.49 4.27
N PHE B 73 -15.54 -17.63 3.89
CA PHE B 73 -15.30 -16.61 2.89
C PHE B 73 -15.84 -15.28 3.39
N HIS B 74 -15.03 -14.25 3.15
CA HIS B 74 -15.41 -12.86 3.32
C HIS B 74 -15.10 -12.12 2.03
N ILE B 75 -16.14 -11.79 1.26
CA ILE B 75 -15.96 -11.29 -0.10
C ILE B 75 -15.17 -12.38 -0.84
N THR B 76 -13.86 -12.18 -1.02
CA THR B 76 -13.05 -13.17 -1.70
C THR B 76 -11.93 -13.66 -0.78
N ASP B 77 -11.80 -13.07 0.42
CA ASP B 77 -10.86 -13.59 1.40
C ASP B 77 -11.31 -14.97 1.90
N ALA B 78 -10.32 -15.82 2.22
CA ALA B 78 -10.57 -17.21 2.57
C ALA B 78 -9.87 -17.55 3.89
N ARG B 79 -10.59 -18.33 4.70
CA ARG B 79 -10.08 -18.85 5.94
C ARG B 79 -10.44 -20.33 6.03
N THR B 80 -9.56 -21.13 6.66
CA THR B 80 -9.86 -22.52 6.92
C THR B 80 -9.95 -22.75 8.43
N ASN B 81 -10.71 -23.78 8.80
CA ASN B 81 -10.76 -24.26 10.17
C ASN B 81 -9.64 -25.28 10.38
N ASN B 82 -8.43 -24.78 10.68
CA ASN B 82 -7.24 -25.59 10.95
C ASN B 82 -6.89 -26.45 9.75
N GLY B 83 -6.77 -25.82 8.58
CA GLY B 83 -6.42 -26.51 7.35
C GLY B 83 -5.15 -25.97 6.72
N GLU B 84 -4.56 -26.78 5.83
CA GLU B 84 -3.40 -26.39 5.04
C GLU B 84 -3.77 -26.58 3.57
N VAL B 85 -3.33 -25.63 2.74
CA VAL B 85 -3.83 -25.53 1.37
C VAL B 85 -2.66 -25.57 0.39
N LEU B 86 -2.86 -26.27 -0.73
CA LEU B 86 -1.92 -26.27 -1.84
C LEU B 86 -2.72 -26.10 -3.12
N MET B 87 -2.40 -25.03 -3.86
CA MET B 87 -2.96 -24.82 -5.19
C MET B 87 -2.23 -25.75 -6.16
N THR B 88 -2.92 -26.80 -6.59
CA THR B 88 -2.27 -27.79 -7.45
C THR B 88 -2.21 -27.25 -8.88
N GLY B 89 -1.61 -28.05 -9.78
CA GLY B 89 -1.57 -27.75 -11.20
C GLY B 89 -2.77 -28.31 -11.96
N GLU B 90 -3.53 -29.21 -11.33
CA GLU B 90 -4.67 -29.87 -11.96
C GLU B 90 -5.82 -28.89 -12.10
N THR B 91 -6.57 -29.00 -13.21
CA THR B 91 -7.56 -28.00 -13.57
C THR B 91 -8.92 -28.69 -13.80
N ASP B 92 -8.89 -30.01 -13.98
CA ASP B 92 -10.10 -30.80 -14.17
C ASP B 92 -10.32 -31.59 -12.88
N LEU B 93 -11.42 -31.27 -12.17
CA LEU B 93 -11.68 -31.90 -10.89
C LEU B 93 -11.97 -33.39 -11.07
N ASN B 94 -12.34 -33.81 -12.28
CA ASN B 94 -12.68 -35.20 -12.52
C ASN B 94 -11.42 -36.01 -12.78
N LYS B 95 -10.28 -35.34 -12.93
CA LYS B 95 -9.04 -36.03 -13.24
C LYS B 95 -8.18 -36.15 -11.98
N ILE B 96 -8.70 -35.82 -10.79
CA ILE B 96 -7.92 -35.86 -9.55
C ILE B 96 -8.81 -36.35 -8.39
N ASN B 97 -8.28 -37.33 -7.63
CA ASN B 97 -9.05 -37.99 -6.59
C ASN B 97 -8.18 -38.27 -5.37
N ALA B 98 -6.94 -37.78 -5.37
CA ALA B 98 -6.04 -37.93 -4.25
C ALA B 98 -5.16 -36.68 -4.15
N LEU B 99 -4.71 -36.39 -2.93
CA LEU B 99 -3.93 -35.19 -2.65
C LEU B 99 -2.46 -35.45 -2.99
N PRO B 100 -1.82 -34.58 -3.80
CA PRO B 100 -0.39 -34.71 -4.09
C PRO B 100 0.50 -34.13 -2.99
N ALA B 101 1.80 -34.45 -3.05
CA ALA B 101 2.80 -33.81 -2.22
C ALA B 101 3.02 -32.39 -2.69
N GLY B 102 3.47 -31.53 -1.76
CA GLY B 102 3.92 -30.19 -2.05
C GLY B 102 3.91 -29.33 -0.79
N ASN B 103 4.00 -28.00 -0.96
CA ASN B 103 4.03 -27.11 0.19
C ASN B 103 2.61 -26.63 0.51
N TYR B 104 2.02 -27.26 1.53
CA TYR B 104 0.71 -26.89 2.00
C TYR B 104 0.85 -25.68 2.93
N VAL B 105 -0.04 -24.68 2.76
CA VAL B 105 0.08 -23.40 3.45
C VAL B 105 -1.00 -23.27 4.51
N ALA B 106 -0.60 -22.97 5.75
CA ALA B 106 -1.53 -22.78 6.87
C ALA B 106 -2.07 -21.34 6.86
N ASP B 107 -3.14 -21.12 7.64
CA ASP B 107 -3.67 -19.77 7.84
C ASP B 107 -2.66 -18.94 8.63
N ALA B 108 -2.62 -17.63 8.35
CA ALA B 108 -1.74 -16.72 9.06
C ALA B 108 -2.51 -15.44 9.41
N PRO B 109 -2.08 -14.64 10.41
CA PRO B 109 -2.67 -13.34 10.68
C PRO B 109 -2.70 -12.45 9.43
N ALA B 110 -3.84 -11.76 9.25
CA ALA B 110 -4.08 -10.88 8.13
C ALA B 110 -5.23 -9.94 8.47
N ASP B 111 -5.23 -8.77 7.82
CA ASP B 111 -6.31 -7.81 7.96
C ASP B 111 -7.30 -8.00 6.82
N ILE B 112 -8.59 -7.80 7.12
CA ILE B 112 -9.64 -7.77 6.11
C ILE B 112 -10.28 -6.38 6.12
N VAL B 113 -10.94 -6.04 5.01
CA VAL B 113 -11.73 -4.83 4.92
C VAL B 113 -13.17 -5.13 5.32
N VAL B 114 -13.65 -4.49 6.41
CA VAL B 114 -15.03 -4.60 6.87
C VAL B 114 -15.90 -3.44 6.39
N ASP B 115 -15.27 -2.31 5.99
CA ASP B 115 -16.04 -1.16 5.52
C ASP B 115 -15.28 -0.45 4.41
N MET B 116 -15.89 -0.42 3.23
CA MET B 116 -15.28 0.05 1.99
C MET B 116 -15.88 1.41 1.60
N SER B 117 -16.88 1.87 2.35
CA SER B 117 -17.73 2.96 1.93
C SER B 117 -16.99 4.30 1.86
N ARG B 118 -15.88 4.43 2.60
CA ARG B 118 -15.19 5.71 2.68
C ARG B 118 -13.86 5.66 1.92
N MET B 119 -13.69 4.68 1.02
CA MET B 119 -12.44 4.51 0.32
C MET B 119 -12.30 5.56 -0.79
N GLN B 120 -13.37 5.78 -1.56
CA GLN B 120 -13.37 6.72 -2.68
C GLN B 120 -13.29 8.14 -2.13
N SER B 121 -14.11 8.43 -1.12
CA SER B 121 -14.32 9.78 -0.64
C SER B 121 -13.18 10.26 0.24
N GLU B 122 -12.45 9.33 0.87
CA GLU B 122 -11.53 9.73 1.93
C GLU B 122 -10.22 8.93 1.91
N GLY B 123 -10.19 7.83 1.14
CA GLY B 123 -9.07 6.90 1.19
C GLY B 123 -8.98 6.21 2.54
N VAL B 124 -10.16 5.92 3.13
CA VAL B 124 -10.25 5.28 4.43
C VAL B 124 -10.86 3.89 4.26
N LEU B 125 -10.31 2.93 5.00
CA LEU B 125 -10.82 1.57 5.06
C LEU B 125 -10.98 1.20 6.53
N GLY B 126 -12.12 0.57 6.83
CA GLY B 126 -12.28 -0.16 8.09
C GLY B 126 -11.65 -1.55 7.99
N MET B 127 -10.66 -1.81 8.86
CA MET B 127 -9.82 -2.98 8.81
C MET B 127 -10.00 -3.75 10.12
N VAL B 128 -9.99 -5.09 10.01
CA VAL B 128 -10.01 -5.94 11.19
C VAL B 128 -8.92 -6.99 11.05
N LYS B 129 -8.15 -7.20 12.12
CA LYS B 129 -7.12 -8.21 12.17
C LYS B 129 -7.75 -9.56 12.46
N THR B 130 -7.59 -10.50 11.52
CA THR B 130 -8.16 -11.83 11.62
C THR B 130 -7.13 -12.86 11.16
N MET B 131 -7.61 -14.02 10.67
CA MET B 131 -6.75 -15.07 10.14
C MET B 131 -7.22 -15.40 8.72
N LEU B 132 -6.31 -15.46 7.76
CA LEU B 132 -6.67 -15.82 6.40
C LEU B 132 -5.69 -16.87 5.90
N ASN B 133 -6.14 -17.64 4.89
CA ASN B 133 -5.27 -18.59 4.22
C ASN B 133 -4.84 -18.00 2.89
N GLY B 134 -3.52 -17.75 2.77
CA GLY B 134 -2.98 -17.02 1.63
C GLY B 134 -3.11 -17.81 0.33
N GLU B 135 -2.93 -19.13 0.39
CA GLU B 135 -2.98 -20.00 -0.77
C GLU B 135 -4.41 -20.05 -1.29
N MET B 136 -5.38 -20.37 -0.42
CA MET B 136 -6.75 -20.48 -0.91
C MET B 136 -7.18 -19.15 -1.50
N GLY B 137 -6.63 -18.06 -0.94
CA GLY B 137 -6.90 -16.69 -1.37
C GLY B 137 -6.62 -16.50 -2.86
N LYS B 138 -5.84 -17.41 -3.45
CA LYS B 138 -5.44 -17.29 -4.83
C LYS B 138 -6.57 -17.73 -5.78
N TRP B 139 -7.72 -18.15 -5.23
CA TRP B 139 -8.80 -18.67 -6.06
C TRP B 139 -9.31 -17.60 -7.03
N VAL B 140 -9.05 -16.33 -6.70
CA VAL B 140 -9.29 -15.20 -7.59
C VAL B 140 -7.96 -14.49 -7.82
N LYS B 141 -7.78 -13.99 -9.04
CA LYS B 141 -6.66 -13.14 -9.46
C LYS B 141 -7.15 -11.68 -9.43
N SER B 142 -6.26 -10.75 -9.02
CA SER B 142 -6.58 -9.32 -9.08
C SER B 142 -5.49 -8.57 -9.84
N LYS B 149 -11.27 -8.78 -10.97
CA LYS B 149 -11.16 -10.00 -10.12
C LYS B 149 -11.76 -11.22 -10.82
N THR B 150 -10.91 -12.21 -11.13
CA THR B 150 -11.30 -13.36 -11.95
C THR B 150 -10.95 -14.66 -11.24
N VAL B 151 -11.82 -15.67 -11.37
CA VAL B 151 -11.63 -16.98 -10.78
C VAL B 151 -10.48 -17.71 -11.47
N MET B 152 -9.54 -18.26 -10.69
CA MET B 152 -8.54 -19.20 -11.19
C MET B 152 -9.14 -20.61 -11.27
N GLY B 153 -8.60 -21.43 -12.16
CA GLY B 153 -9.25 -22.70 -12.49
C GLY B 153 -8.67 -23.90 -11.74
N ASN B 154 -7.62 -23.68 -10.95
CA ASN B 154 -6.84 -24.78 -10.38
C ASN B 154 -7.63 -25.47 -9.27
N VAL B 155 -7.46 -26.79 -9.15
CA VAL B 155 -7.98 -27.51 -8.00
C VAL B 155 -7.10 -27.18 -6.81
N PHE B 156 -7.73 -26.80 -5.70
CA PHE B 156 -7.05 -26.60 -4.43
C PHE B 156 -7.14 -27.89 -3.61
N ALA B 157 -6.01 -28.33 -3.06
CA ALA B 157 -5.97 -29.44 -2.12
C ALA B 157 -5.93 -28.88 -0.70
N VAL B 158 -6.75 -29.46 0.19
CA VAL B 158 -6.88 -29.03 1.58
C VAL B 158 -6.75 -30.26 2.47
N LYS B 159 -5.78 -30.20 3.39
CA LYS B 159 -5.56 -31.15 4.48
C LYS B 159 -6.01 -30.48 5.78
N PHE B 160 -6.84 -31.18 6.56
CA PHE B 160 -7.26 -30.65 7.85
C PHE B 160 -6.58 -31.43 8.97
N LYS B 161 -6.22 -30.71 10.04
CA LYS B 161 -5.56 -31.26 11.21
C LYS B 161 -6.38 -32.42 11.80
N ASN B 162 -7.70 -32.42 11.57
CA ASN B 162 -8.56 -33.47 12.08
C ASN B 162 -8.54 -34.70 11.17
N GLY B 163 -7.87 -34.59 10.02
CA GLY B 163 -7.70 -35.76 9.16
C GLY B 163 -8.71 -35.83 8.00
N ASN B 164 -9.61 -34.84 7.90
CA ASN B 164 -10.39 -34.74 6.69
C ASN B 164 -9.53 -34.12 5.58
N ALA B 165 -10.02 -34.21 4.33
CA ALA B 165 -9.35 -33.55 3.22
C ALA B 165 -10.38 -33.09 2.20
N ALA B 166 -9.98 -32.21 1.26
CA ALA B 166 -10.88 -31.77 0.21
C ALA B 166 -10.14 -31.38 -1.07
N LEU B 167 -10.82 -31.55 -2.21
CA LEU B 167 -10.36 -31.07 -3.50
C LEU B 167 -11.40 -30.10 -4.04
N ILE B 168 -11.02 -28.83 -4.21
CA ILE B 168 -11.98 -27.77 -4.47
C ILE B 168 -11.62 -27.10 -5.78
N LYS B 169 -12.62 -26.98 -6.65
CA LYS B 169 -12.42 -26.20 -7.87
C LYS B 169 -13.49 -25.12 -7.90
N PHE B 170 -13.04 -23.85 -7.89
CA PHE B 170 -13.92 -22.71 -7.88
C PHE B 170 -14.50 -22.47 -9.26
N LYS B 171 -15.79 -22.14 -9.31
CA LYS B 171 -16.47 -21.87 -10.57
C LYS B 171 -16.69 -20.36 -10.76
N ASP B 172 -17.42 -19.71 -9.83
CA ASP B 172 -17.85 -18.34 -10.02
C ASP B 172 -17.58 -17.47 -8.78
N ASN B 173 -17.27 -16.18 -9.02
CA ASN B 173 -17.17 -15.18 -7.97
C ASN B 173 -18.25 -14.10 -8.16
N LEU B 174 -19.13 -14.32 -9.15
CA LEU B 174 -20.22 -13.41 -9.48
C LEU B 174 -21.49 -14.22 -9.74
N ASP B 175 -22.63 -13.53 -9.67
CA ASP B 175 -23.93 -14.05 -10.02
C ASP B 175 -24.08 -14.00 -11.55
N LYS B 176 -25.28 -14.32 -12.05
CA LYS B 176 -25.53 -14.35 -13.48
C LYS B 176 -25.42 -12.96 -14.10
N THR B 177 -25.83 -11.93 -13.35
CA THR B 177 -25.84 -10.57 -13.87
C THR B 177 -24.42 -10.02 -13.97
N GLY B 178 -23.51 -10.60 -13.18
CA GLY B 178 -22.14 -10.13 -13.07
C GLY B 178 -22.02 -8.88 -12.21
N LYS B 179 -23.05 -8.61 -11.39
CA LYS B 179 -23.09 -7.40 -10.60
C LYS B 179 -22.90 -7.73 -9.12
N LYS B 180 -23.31 -8.94 -8.70
CA LYS B 180 -23.35 -9.32 -7.29
C LYS B 180 -22.29 -10.39 -6.99
N LYS B 181 -21.54 -10.16 -5.91
CA LYS B 181 -20.43 -11.03 -5.51
C LYS B 181 -20.98 -12.36 -5.00
N ALA B 182 -20.20 -13.45 -5.19
CA ALA B 182 -20.67 -14.80 -4.91
C ALA B 182 -19.48 -15.73 -4.74
N VAL B 183 -19.72 -16.88 -4.13
CA VAL B 183 -18.75 -17.96 -4.02
C VAL B 183 -19.46 -19.22 -4.50
N SER B 184 -18.88 -19.87 -5.52
CA SER B 184 -19.42 -21.08 -6.12
C SER B 184 -18.26 -22.02 -6.44
N PHE B 185 -18.40 -23.29 -6.04
CA PHE B 185 -17.35 -24.26 -6.35
C PHE B 185 -17.92 -25.67 -6.38
N ASP B 186 -17.16 -26.56 -7.03
CA ASP B 186 -17.37 -27.99 -6.92
C ASP B 186 -16.24 -28.56 -6.08
N TYR B 187 -16.51 -29.72 -5.46
CA TYR B 187 -15.54 -30.25 -4.52
C TYR B 187 -15.77 -31.73 -4.24
N LYS B 188 -14.69 -32.37 -3.83
CA LYS B 188 -14.76 -33.72 -3.30
C LYS B 188 -14.33 -33.62 -1.85
N PHE B 189 -15.18 -34.14 -0.96
CA PHE B 189 -14.85 -34.16 0.47
C PHE B 189 -14.40 -35.57 0.85
N ILE B 190 -13.30 -35.64 1.61
CA ILE B 190 -12.65 -36.91 1.93
C ILE B 190 -12.61 -37.07 3.43
N LYS B 191 -13.55 -37.86 3.96
CA LYS B 191 -13.76 -37.97 5.39
C LYS B 191 -12.70 -38.88 5.99
N LYS B 192 -12.08 -38.42 7.11
CA LYS B 192 -11.31 -39.29 7.98
C LYS B 192 -12.23 -40.42 8.47
C1 GOL C . 24.88 26.55 -0.96
O1 GOL C . 23.74 27.13 -0.34
C2 GOL C . 24.81 26.62 -2.47
O2 GOL C . 24.26 25.41 -3.02
C3 GOL C . 26.12 26.97 -3.14
O3 GOL C . 27.18 26.09 -2.76
C1 GOL D . 3.52 26.54 -13.41
O1 GOL D . 2.99 27.17 -12.24
C2 GOL D . 3.98 25.12 -13.15
O2 GOL D . 2.95 24.34 -12.55
C3 GOL D . 4.54 24.42 -14.38
O3 GOL D . 5.94 24.65 -14.50
C1 GOL E . -8.04 -20.12 12.73
O1 GOL E . -7.92 -19.88 11.33
C2 GOL E . -8.95 -21.29 13.06
O2 GOL E . -8.26 -22.25 13.84
C3 GOL E . -10.25 -20.90 13.75
O3 GOL E . -10.50 -21.68 14.92
#